data_6EQQ
#
_entry.id   6EQQ
#
_cell.length_a   154.297
_cell.length_b   154.297
_cell.length_c   134.110
_cell.angle_alpha   90.000
_cell.angle_beta   90.000
_cell.angle_gamma   90.000
#
_symmetry.space_group_name_H-M   'I 4 2 2'
#
loop_
_entity.id
_entity.type
_entity.pdbx_description
1 polymer Cholinesterase
2 branched 2-acetamido-2-deoxy-beta-D-glucopyranose-(1-4)-[beta-L-fucopyranose-(1-6)]2-acetamido-2-deoxy-beta-D-glucopyranose
3 branched beta-L-fucopyranose-(1-6)-2-acetamido-2-deoxy-beta-D-glucopyranose
4 non-polymer 'huprine 19'
5 non-polymer 2-acetamido-2-deoxy-beta-D-glucopyranose
6 non-polymer 'BROMIDE ION'
7 non-polymer 'CHLORIDE ION'
8 non-polymer 'SULFATE ION'
9 non-polymer GLYCEROL
10 non-polymer 'UNKNOWN LIGAND'
11 water water
#
_entity_poly.entity_id   1
_entity_poly.type   'polypeptide(L)'
_entity_poly.pdbx_seq_one_letter_code
;EDDIIIATKNGKVRGMQLTVFGGTVTAFLGIPYAQPPLGRLRFKKPQSLTKWSDIWNATKYANSCCQNIDQSFPGFHGSE
MWNPNTDLSEDCLYLNVWIPAPKPKNATVLIWIYGGGFQTGTSSLHVYDGKFLARVERVIVVSMNYRVGALGFLALPGNP
EAPGNMGLFDQQLALQWVQKNIAAFGGNPKSVTLFGESAGAASVSLHLLSPGSHSLFTRAILQSGSFNAPWAVTSLYEAR
NRTLNLAKLTGCSRENETEIIKCLRNKDPQEILLNEAFVVPYGTPLSVNFGPTVDGDFLTDMPDILLELGQFKKTQILVG
VNKDEGTAFLVYGAPGFSKDNNSIITRKEFQEGLKIFFPGVSEFGKESILFHYTDWVDDQRPENYREALGDVVGDYNFIC
PALEFTKKFSEWGNNAFFYYFEHRSSKLPWPEWMGVMHGYEIEFVFGLPLERRDQYTKAEEILSRSIVKRWANFAKYGNP
QETQNQSTSWPVFKSTEQKYLTLNTESTRIMTKLRAQQCRFWTSFFPKV
;
_entity_poly.pdbx_strand_id   A
#
loop_
_chem_comp.id
_chem_comp.type
_chem_comp.name
_chem_comp.formula
BR non-polymer 'BROMIDE ION' 'Br -1'
CL non-polymer 'CHLORIDE ION' 'Cl -1'
FUL L-saccharide, beta linking beta-L-fucopyranose 'C6 H12 O5'
GOL non-polymer GLYCEROL 'C3 H8 O3'
H19 non-polymer 'huprine 19' 'C18 H21 Cl N3 1'
NAG D-saccharide, beta linking 2-acetamido-2-deoxy-beta-D-glucopyranose 'C8 H15 N O6'
SO4 non-polymer 'SULFATE ION' 'O4 S -2'
UNL non-polymer 'UNKNOWN LIGAND' ?
#
# COMPACT_ATOMS: atom_id res chain seq x y z
N ILE A 4 4.60 -20.82 -25.20
CA ILE A 4 3.49 -19.88 -25.22
C ILE A 4 4.04 -18.45 -25.24
N ILE A 5 3.72 -17.71 -26.31
CA ILE A 5 4.37 -16.44 -26.62
C ILE A 5 3.31 -15.41 -26.97
N ILE A 6 3.47 -14.19 -26.45
CA ILE A 6 2.52 -13.11 -26.63
C ILE A 6 3.26 -11.92 -27.25
N ALA A 7 2.68 -11.34 -28.29
CA ALA A 7 3.26 -10.19 -28.98
C ALA A 7 2.70 -8.91 -28.39
N THR A 8 3.58 -8.07 -27.85
CA THR A 8 3.19 -6.79 -27.27
C THR A 8 3.56 -5.66 -28.23
N LYS A 9 3.22 -4.43 -27.84
CA LYS A 9 3.51 -3.27 -28.67
C LYS A 9 5.00 -2.99 -28.78
N ASN A 10 5.82 -3.53 -27.87
CA ASN A 10 7.25 -3.29 -27.88
C ASN A 10 8.07 -4.53 -28.19
N GLY A 11 7.43 -5.68 -28.36
CA GLY A 11 8.17 -6.89 -28.71
C GLY A 11 7.48 -8.12 -28.16
N LYS A 12 7.98 -9.27 -28.60
CA LYS A 12 7.43 -10.55 -28.17
C LYS A 12 7.97 -10.93 -26.79
N VAL A 13 7.11 -11.54 -25.98
CA VAL A 13 7.47 -12.01 -24.65
C VAL A 13 7.06 -13.47 -24.52
N ARG A 14 7.85 -14.24 -23.80
CA ARG A 14 7.58 -15.65 -23.55
C ARG A 14 7.30 -15.85 -22.07
N GLY A 15 6.18 -16.50 -21.77
CA GLY A 15 5.79 -16.80 -20.40
C GLY A 15 6.07 -18.24 -20.04
N MET A 16 5.57 -18.63 -18.86
CA MET A 16 5.69 -19.98 -18.36
C MET A 16 4.34 -20.46 -17.86
N GLN A 17 4.06 -21.75 -18.06
CA GLN A 17 2.83 -22.35 -17.57
C GLN A 17 3.03 -22.83 -16.14
N LEU A 18 2.02 -22.60 -15.30
CA LEU A 18 2.03 -23.03 -13.92
C LEU A 18 0.81 -23.91 -13.64
N THR A 19 0.99 -24.85 -12.71
CA THR A 19 -0.09 -25.73 -12.27
C THR A 19 -0.62 -25.22 -10.95
N VAL A 20 -1.89 -24.82 -10.92
CA VAL A 20 -2.55 -24.32 -9.72
C VAL A 20 -3.90 -24.99 -9.59
N PHE A 21 -4.11 -25.67 -8.46
CA PHE A 21 -5.40 -26.29 -8.12
C PHE A 21 -5.91 -27.19 -9.25
N GLY A 22 -5.02 -28.04 -9.75
CA GLY A 22 -5.39 -28.92 -10.84
C GLY A 22 -5.65 -28.25 -12.16
N GLY A 23 -5.42 -26.94 -12.25
CA GLY A 23 -5.57 -26.22 -13.50
C GLY A 23 -4.28 -25.57 -13.94
N THR A 24 -4.35 -24.66 -14.91
CA THR A 24 -3.17 -24.01 -15.44
C THR A 24 -3.34 -22.50 -15.41
N VAL A 25 -2.26 -21.79 -15.06
CA VAL A 25 -2.18 -20.35 -15.15
C VAL A 25 -0.88 -20.00 -15.87
N THR A 26 -0.96 -19.08 -16.82
CA THR A 26 0.23 -18.63 -17.55
C THR A 26 0.81 -17.38 -16.88
N ALA A 27 2.10 -17.42 -16.58
CA ALA A 27 2.77 -16.35 -15.85
C ALA A 27 3.83 -15.70 -16.72
N PHE A 28 3.80 -14.36 -16.76
CA PHE A 28 4.84 -13.56 -17.40
C PHE A 28 5.48 -12.71 -16.30
N LEU A 29 6.59 -13.20 -15.75
CA LEU A 29 7.27 -12.50 -14.67
C LEU A 29 8.42 -11.66 -15.22
N GLY A 30 8.44 -10.39 -14.82
CA GLY A 30 9.55 -9.53 -15.18
C GLY A 30 9.50 -8.97 -16.59
N ILE A 31 8.38 -8.40 -16.99
CA ILE A 31 8.25 -7.71 -18.27
C ILE A 31 8.71 -6.27 -18.07
N PRO A 32 9.68 -5.78 -18.82
CA PRO A 32 10.07 -4.38 -18.70
C PRO A 32 8.96 -3.48 -19.21
N TYR A 33 8.80 -2.33 -18.56
CA TYR A 33 7.83 -1.35 -19.00
C TYR A 33 8.40 0.06 -19.08
N ALA A 34 9.70 0.24 -18.85
CA ALA A 34 10.33 1.54 -18.97
C ALA A 34 11.82 1.33 -19.21
N GLN A 35 12.46 2.38 -19.71
CA GLN A 35 13.92 2.37 -19.76
C GLN A 35 14.45 2.32 -18.33
N PRO A 36 15.49 1.53 -18.07
CA PRO A 36 16.10 1.52 -16.75
C PRO A 36 16.54 2.91 -16.35
N PRO A 37 16.08 3.41 -15.19
CA PRO A 37 16.41 4.79 -14.77
C PRO A 37 17.83 4.91 -14.22
N LEU A 38 18.81 4.65 -15.08
CA LEU A 38 20.22 4.63 -14.71
C LEU A 38 20.92 5.88 -15.20
N GLY A 39 22.03 6.20 -14.54
CA GLY A 39 22.90 7.28 -14.98
C GLY A 39 22.17 8.62 -14.98
N ARG A 40 22.10 9.24 -16.15
CA ARG A 40 21.41 10.51 -16.29
C ARG A 40 19.91 10.39 -16.05
N LEU A 41 19.37 9.17 -16.06
CA LEU A 41 17.95 8.95 -15.85
C LEU A 41 17.57 8.76 -14.40
N ARG A 42 18.53 8.67 -13.49
CA ARG A 42 18.21 8.59 -12.08
C ARG A 42 17.56 9.89 -11.61
N PHE A 43 16.52 9.74 -10.79
CA PHE A 43 15.68 10.80 -10.21
C PHE A 43 14.72 11.40 -11.23
N LYS A 44 14.83 11.07 -12.52
CA LYS A 44 13.91 11.59 -13.52
C LYS A 44 12.68 10.70 -13.63
N LYS A 45 11.67 11.20 -14.33
CA LYS A 45 10.47 10.43 -14.57
C LYS A 45 10.77 9.26 -15.50
N PRO A 46 9.99 8.18 -15.44
CA PRO A 46 10.28 7.01 -16.27
C PRO A 46 10.11 7.31 -17.75
N GLN A 47 11.02 6.75 -18.55
CA GLN A 47 11.00 6.92 -19.99
C GLN A 47 10.42 5.67 -20.66
N SER A 48 9.64 5.88 -21.72
CA SER A 48 8.98 4.77 -22.39
C SER A 48 10.02 3.86 -23.05
N LEU A 49 9.60 2.62 -23.30
CA LEU A 49 10.48 1.60 -23.82
C LEU A 49 10.66 1.76 -25.33
N THR A 50 11.80 1.25 -25.82
CA THR A 50 12.08 1.14 -27.23
C THR A 50 12.00 -0.33 -27.64
N LYS A 51 11.63 -0.57 -28.90
CA LYS A 51 11.41 -1.91 -29.44
C LYS A 51 12.58 -2.84 -29.16
N TRP A 52 12.30 -4.14 -29.10
CA TRP A 52 13.33 -5.18 -29.11
C TRP A 52 12.92 -6.25 -30.12
N SER A 53 13.89 -6.76 -30.86
CA SER A 53 13.62 -7.70 -31.95
C SER A 53 13.53 -9.15 -31.48
N ASP A 54 14.16 -9.49 -30.36
CA ASP A 54 14.18 -10.87 -29.88
C ASP A 54 12.90 -11.20 -29.13
N ILE A 55 12.93 -12.31 -28.38
CA ILE A 55 11.83 -12.70 -27.50
C ILE A 55 12.33 -12.52 -26.08
N TRP A 56 11.72 -11.59 -25.34
CA TRP A 56 12.06 -11.41 -23.94
C TRP A 56 11.55 -12.60 -23.14
N ASN A 57 12.47 -13.35 -22.53
CA ASN A 57 12.11 -14.49 -21.70
C ASN A 57 11.64 -13.96 -20.35
N ALA A 58 10.32 -13.80 -20.20
CA ALA A 58 9.72 -13.32 -18.95
C ALA A 58 9.37 -14.52 -18.07
N THR A 59 10.42 -15.16 -17.55
CA THR A 59 10.30 -16.44 -16.86
C THR A 59 10.73 -16.40 -15.40
N LYS A 60 11.08 -15.22 -14.87
CA LYS A 60 11.46 -15.10 -13.47
C LYS A 60 11.21 -13.68 -13.02
N TYR A 61 11.03 -13.51 -11.71
CA TYR A 61 10.86 -12.18 -11.14
C TYR A 61 12.11 -11.34 -11.44
N ALA A 62 11.88 -10.07 -11.75
CA ALA A 62 12.98 -9.17 -12.06
C ALA A 62 13.57 -8.61 -10.77
N ASN A 63 14.57 -7.74 -10.93
CA ASN A 63 15.21 -7.13 -9.78
C ASN A 63 14.22 -6.27 -9.00
N SER A 64 14.42 -6.20 -7.69
CA SER A 64 13.69 -5.26 -6.85
C SER A 64 14.44 -3.93 -6.80
N CYS A 65 13.69 -2.85 -6.61
CA CYS A 65 14.30 -1.53 -6.59
C CYS A 65 15.18 -1.35 -5.36
N CYS A 66 16.16 -0.46 -5.48
CA CYS A 66 17.07 -0.19 -4.38
C CYS A 66 16.29 0.28 -3.16
N GLN A 67 16.65 -0.24 -2.00
CA GLN A 67 15.93 0.04 -0.77
C GLN A 67 16.74 -0.46 0.41
N ASN A 68 16.52 0.16 1.57
CA ASN A 68 17.06 -0.33 2.82
C ASN A 68 16.17 -1.46 3.34
N ILE A 69 16.79 -2.54 3.76
CA ILE A 69 16.07 -3.73 4.18
C ILE A 69 15.82 -3.67 5.67
N ASP A 70 14.66 -4.16 6.11
CA ASP A 70 14.32 -4.20 7.53
C ASP A 70 15.18 -5.26 8.21
N GLN A 71 16.08 -4.83 9.09
CA GLN A 71 16.99 -5.73 9.79
C GLN A 71 16.71 -5.79 11.29
N SER A 72 15.53 -5.35 11.71
CA SER A 72 15.24 -5.24 13.14
C SER A 72 15.14 -6.62 13.81
N PHE A 73 14.72 -7.64 13.08
CA PHE A 73 14.54 -8.99 13.63
C PHE A 73 15.18 -10.00 12.69
N PRO A 74 16.51 -10.15 12.75
CA PRO A 74 17.18 -11.11 11.86
C PRO A 74 16.71 -12.54 12.10
N GLY A 75 16.40 -13.24 11.01
CA GLY A 75 15.96 -14.61 11.08
C GLY A 75 14.50 -14.80 11.44
N PHE A 76 13.77 -13.73 11.72
CA PHE A 76 12.36 -13.82 12.11
C PHE A 76 11.49 -13.70 10.86
N HIS A 77 10.67 -14.72 10.61
CA HIS A 77 9.85 -14.72 9.42
C HIS A 77 8.83 -13.59 9.42
N GLY A 78 8.39 -13.17 10.61
CA GLY A 78 7.38 -12.12 10.69
C GLY A 78 7.82 -10.82 10.03
N SER A 79 9.12 -10.53 10.07
CA SER A 79 9.65 -9.32 9.45
C SER A 79 10.31 -9.58 8.11
N GLU A 80 10.99 -10.72 7.94
CA GLU A 80 11.70 -11.00 6.71
C GLU A 80 10.78 -11.42 5.58
N MET A 81 9.54 -11.81 5.89
CA MET A 81 8.54 -12.03 4.85
C MET A 81 8.31 -10.80 3.97
N TRP A 82 8.61 -9.61 4.49
CA TRP A 82 8.39 -8.36 3.76
C TRP A 82 9.64 -7.86 3.06
N ASN A 83 10.79 -8.46 3.33
CA ASN A 83 12.03 -8.04 2.70
C ASN A 83 12.11 -8.57 1.26
N PRO A 84 12.79 -7.85 0.38
CA PRO A 84 12.84 -8.26 -1.03
C PRO A 84 13.47 -9.63 -1.20
N ASN A 85 12.93 -10.40 -2.15
CA ASN A 85 13.39 -11.75 -2.44
C ASN A 85 14.03 -11.86 -3.81
N THR A 86 14.38 -10.75 -4.43
CA THR A 86 15.21 -10.73 -5.64
C THR A 86 16.30 -9.69 -5.46
N ASP A 87 17.25 -9.67 -6.39
CA ASP A 87 18.38 -8.76 -6.32
C ASP A 87 17.91 -7.32 -6.34
N LEU A 88 18.57 -6.48 -5.54
CA LEU A 88 18.33 -5.04 -5.58
C LEU A 88 19.12 -4.40 -6.70
N SER A 89 18.49 -3.48 -7.42
CA SER A 89 19.15 -2.79 -8.52
C SER A 89 18.33 -1.58 -8.90
N GLU A 90 19.02 -0.56 -9.42
CA GLU A 90 18.32 0.58 -10.02
C GLU A 90 17.55 0.16 -11.25
N ASP A 91 17.99 -0.92 -11.91
CA ASP A 91 17.29 -1.52 -13.04
C ASP A 91 16.20 -2.43 -12.48
N CYS A 92 15.03 -1.85 -12.22
CA CYS A 92 14.00 -2.55 -11.48
C CYS A 92 12.57 -2.31 -11.97
N LEU A 93 12.36 -1.48 -12.98
CA LEU A 93 11.00 -1.12 -13.38
C LEU A 93 10.49 -2.19 -14.35
N TYR A 94 9.97 -3.27 -13.76
CA TYR A 94 9.38 -4.38 -14.47
C TYR A 94 8.02 -4.70 -13.86
N LEU A 95 7.21 -5.46 -14.58
CA LEU A 95 5.90 -5.86 -14.09
C LEU A 95 5.66 -7.33 -14.35
N ASN A 96 4.62 -7.88 -13.73
CA ASN A 96 4.25 -9.28 -13.86
C ASN A 96 2.80 -9.38 -14.29
N VAL A 97 2.50 -10.42 -15.06
CA VAL A 97 1.14 -10.66 -15.57
C VAL A 97 0.81 -12.13 -15.36
N TRP A 98 -0.29 -12.40 -14.66
CA TRP A 98 -0.84 -13.74 -14.52
C TRP A 98 -2.15 -13.80 -15.30
N ILE A 99 -2.23 -14.71 -16.26
CA ILE A 99 -3.44 -14.88 -17.07
C ILE A 99 -4.01 -16.27 -16.83
N PRO A 100 -5.33 -16.42 -16.85
CA PRO A 100 -5.92 -17.77 -16.72
C PRO A 100 -5.67 -18.58 -17.97
N ALA A 101 -5.69 -19.90 -17.80
CA ALA A 101 -5.60 -20.81 -18.92
C ALA A 101 -6.88 -21.63 -19.04
N PRO A 102 -7.47 -21.74 -20.25
CA PRO A 102 -6.96 -21.13 -21.48
C PRO A 102 -7.15 -19.61 -21.51
N LYS A 103 -6.55 -18.96 -22.51
CA LYS A 103 -6.56 -17.51 -22.62
C LYS A 103 -7.99 -16.97 -22.53
N PRO A 104 -8.27 -16.08 -21.58
CA PRO A 104 -9.63 -15.54 -21.48
C PRO A 104 -9.94 -14.61 -22.65
N LYS A 105 -11.23 -14.33 -22.82
CA LYS A 105 -11.68 -13.52 -23.94
C LYS A 105 -11.60 -12.03 -23.64
N ASN A 106 -12.18 -11.59 -22.52
CA ASN A 106 -12.28 -10.18 -22.15
C ASN A 106 -12.24 -10.09 -20.62
N ALA A 107 -11.10 -10.50 -20.05
CA ALA A 107 -11.01 -10.67 -18.60
C ALA A 107 -10.79 -9.34 -17.90
N THR A 108 -11.41 -9.21 -16.72
CA THR A 108 -11.18 -8.06 -15.86
C THR A 108 -9.78 -8.14 -15.27
N VAL A 109 -9.12 -6.99 -15.17
CA VAL A 109 -7.72 -6.90 -14.76
C VAL A 109 -7.62 -6.29 -13.37
N LEU A 110 -6.79 -6.89 -12.53
N LEU A 110 -6.77 -6.87 -12.52
CA LEU A 110 -6.49 -6.36 -11.20
CA LEU A 110 -6.49 -6.37 -11.20
C LEU A 110 -5.01 -5.97 -11.17
C LEU A 110 -5.01 -5.98 -11.13
N ILE A 111 -4.74 -4.72 -10.82
CA ILE A 111 -3.38 -4.19 -10.75
C ILE A 111 -3.03 -3.95 -9.29
N TRP A 112 -2.00 -4.65 -8.81
CA TRP A 112 -1.58 -4.58 -7.42
C TRP A 112 -0.43 -3.59 -7.28
N ILE A 113 -0.55 -2.69 -6.29
CA ILE A 113 0.49 -1.73 -5.95
C ILE A 113 0.91 -2.02 -4.51
N TYR A 114 2.11 -2.57 -4.35
CA TYR A 114 2.55 -3.00 -3.02
C TYR A 114 2.78 -1.80 -2.11
N GLY A 115 2.79 -2.06 -0.81
CA GLY A 115 3.11 -1.07 0.19
C GLY A 115 4.55 -1.17 0.66
N GLY A 116 4.86 -0.43 1.71
CA GLY A 116 6.20 -0.40 2.25
C GLY A 116 6.64 0.98 2.67
N GLY A 117 5.68 1.85 2.98
CA GLY A 117 5.98 3.19 3.43
C GLY A 117 6.70 4.05 2.41
N PHE A 118 6.59 3.72 1.12
CA PHE A 118 7.26 4.43 0.03
C PHE A 118 8.77 4.33 0.13
N GLN A 119 9.28 3.52 1.07
CA GLN A 119 10.71 3.30 1.22
C GLN A 119 11.14 1.91 0.79
N THR A 120 10.26 0.92 0.90
CA THR A 120 10.59 -0.46 0.59
C THR A 120 9.45 -1.08 -0.20
N GLY A 121 9.64 -2.35 -0.58
CA GLY A 121 8.60 -3.10 -1.26
C GLY A 121 9.06 -3.72 -2.56
N THR A 122 8.37 -4.78 -2.98
CA THR A 122 8.61 -5.41 -4.26
C THR A 122 7.41 -6.27 -4.60
N SER A 123 7.19 -6.49 -5.90
CA SER A 123 6.03 -7.24 -6.36
C SER A 123 6.25 -8.75 -6.33
N SER A 124 7.46 -9.21 -6.03
CA SER A 124 7.80 -10.62 -6.07
C SER A 124 7.55 -11.34 -4.75
N LEU A 125 6.99 -10.66 -3.75
CA LEU A 125 6.73 -11.29 -2.47
C LEU A 125 5.74 -12.45 -2.63
N HIS A 126 5.94 -13.49 -1.81
CA HIS A 126 5.09 -14.67 -1.88
C HIS A 126 3.62 -14.32 -1.65
N VAL A 127 3.35 -13.36 -0.77
CA VAL A 127 1.98 -12.99 -0.44
C VAL A 127 1.33 -12.12 -1.50
N TYR A 128 2.06 -11.71 -2.54
CA TYR A 128 1.48 -11.02 -3.68
C TYR A 128 1.37 -11.91 -4.91
N ASP A 129 1.56 -13.22 -4.74
CA ASP A 129 1.50 -14.16 -5.86
C ASP A 129 0.11 -14.20 -6.47
N GLY A 130 -0.03 -13.68 -7.68
CA GLY A 130 -1.32 -13.52 -8.33
C GLY A 130 -1.85 -14.74 -9.07
N LYS A 131 -1.18 -15.88 -8.99
CA LYS A 131 -1.62 -17.04 -9.76
C LYS A 131 -2.92 -17.63 -9.22
N PHE A 132 -3.18 -17.47 -7.92
CA PHE A 132 -4.40 -18.03 -7.33
C PHE A 132 -5.64 -17.29 -7.84
N LEU A 133 -5.60 -15.95 -7.79
CA LEU A 133 -6.72 -15.16 -8.30
C LEU A 133 -6.97 -15.46 -9.76
N ALA A 134 -5.89 -15.56 -10.56
CA ALA A 134 -6.05 -15.92 -11.96
C ALA A 134 -6.68 -17.29 -12.12
N ARG A 135 -6.33 -18.23 -11.23
CA ARG A 135 -6.87 -19.58 -11.32
C ARG A 135 -8.33 -19.63 -10.89
N VAL A 136 -8.65 -18.98 -9.77
CA VAL A 136 -9.95 -19.17 -9.13
C VAL A 136 -11.03 -18.29 -9.73
N GLU A 137 -10.75 -17.00 -9.92
CA GLU A 137 -11.74 -16.06 -10.44
C GLU A 137 -11.54 -15.75 -11.91
N ARG A 138 -10.48 -16.30 -12.54
CA ARG A 138 -10.19 -16.09 -13.95
C ARG A 138 -10.14 -14.61 -14.31
N VAL A 139 -9.58 -13.82 -13.40
CA VAL A 139 -9.20 -12.45 -13.68
C VAL A 139 -7.73 -12.43 -14.06
N ILE A 140 -7.27 -11.31 -14.61
CA ILE A 140 -5.86 -11.11 -14.91
C ILE A 140 -5.25 -10.24 -13.82
N VAL A 141 -4.15 -10.71 -13.24
CA VAL A 141 -3.47 -9.99 -12.16
C VAL A 141 -2.20 -9.38 -12.71
N VAL A 142 -2.01 -8.09 -12.45
CA VAL A 142 -0.80 -7.39 -12.82
C VAL A 142 -0.22 -6.73 -11.58
N SER A 143 1.11 -6.82 -11.42
CA SER A 143 1.82 -6.12 -10.38
C SER A 143 3.10 -5.55 -10.97
N MET A 144 3.51 -4.39 -10.47
CA MET A 144 4.67 -3.69 -10.98
C MET A 144 5.60 -3.30 -9.84
N ASN A 145 6.88 -3.17 -10.18
CA ASN A 145 7.87 -2.57 -9.28
C ASN A 145 8.00 -1.10 -9.59
N TYR A 146 8.00 -0.28 -8.53
CA TYR A 146 8.18 1.16 -8.68
C TYR A 146 9.27 1.64 -7.73
N ARG A 147 9.96 2.69 -8.13
CA ARG A 147 11.05 3.22 -7.32
C ARG A 147 10.53 3.74 -6.00
N VAL A 148 11.32 3.54 -4.94
CA VAL A 148 10.96 3.94 -3.58
C VAL A 148 12.15 4.63 -2.95
N GLY A 149 11.92 5.21 -1.77
CA GLY A 149 12.96 5.97 -1.11
C GLY A 149 13.30 7.23 -1.88
N ALA A 150 14.52 7.72 -1.69
CA ALA A 150 14.96 8.93 -2.37
C ALA A 150 15.01 8.72 -3.89
N LEU A 151 15.44 7.54 -4.32
CA LEU A 151 15.53 7.26 -5.76
C LEU A 151 14.17 7.32 -6.44
N GLY A 152 13.08 7.28 -5.69
CA GLY A 152 11.76 7.33 -6.29
C GLY A 152 10.95 8.56 -5.90
N PHE A 153 11.39 9.30 -4.88
CA PHE A 153 10.55 10.37 -4.36
C PHE A 153 11.32 11.61 -3.90
N LEU A 154 12.63 11.68 -4.08
CA LEU A 154 13.34 12.92 -3.81
C LEU A 154 12.76 14.04 -4.66
N ALA A 155 12.59 15.22 -4.05
CA ALA A 155 11.87 16.30 -4.69
C ALA A 155 12.59 17.62 -4.47
N LEU A 156 13.06 18.22 -5.55
CA LEU A 156 13.23 19.66 -5.68
C LEU A 156 12.17 20.15 -6.65
N PRO A 157 10.96 20.48 -6.17
CA PRO A 157 9.81 20.62 -7.06
C PRO A 157 10.04 21.65 -8.16
N GLY A 158 9.41 21.42 -9.31
CA GLY A 158 9.61 22.26 -10.47
C GLY A 158 10.88 21.99 -11.23
N ASN A 159 11.89 21.40 -10.59
CA ASN A 159 13.12 21.03 -11.25
C ASN A 159 12.95 19.66 -11.91
N PRO A 160 12.96 19.57 -13.24
CA PRO A 160 12.72 18.27 -13.89
C PRO A 160 13.81 17.24 -13.64
N GLU A 161 14.96 17.64 -13.10
CA GLU A 161 16.00 16.66 -12.79
C GLU A 161 15.67 15.85 -11.54
N ALA A 162 14.84 16.38 -10.65
CA ALA A 162 14.35 15.67 -9.47
C ALA A 162 13.03 16.28 -9.03
N PRO A 163 11.94 16.05 -9.78
CA PRO A 163 10.69 16.76 -9.53
C PRO A 163 9.79 16.14 -8.47
N GLY A 164 10.11 14.95 -7.99
CA GLY A 164 9.25 14.25 -7.05
C GLY A 164 8.25 13.35 -7.74
N ASN A 165 7.73 12.40 -6.96
CA ASN A 165 6.65 11.50 -7.39
C ASN A 165 7.08 10.59 -8.54
N MET A 166 8.38 10.32 -8.67
CA MET A 166 8.83 9.43 -9.75
C MET A 166 8.27 8.02 -9.57
N GLY A 167 8.26 7.51 -8.34
CA GLY A 167 7.68 6.20 -8.10
C GLY A 167 6.21 6.13 -8.47
N LEU A 168 5.46 7.20 -8.19
CA LEU A 168 4.07 7.24 -8.61
C LEU A 168 3.94 7.29 -10.12
N PHE A 169 4.82 8.05 -10.78
CA PHE A 169 4.86 8.04 -12.24
C PHE A 169 5.30 6.68 -12.77
N ASP A 170 6.12 5.95 -12.01
CA ASP A 170 6.46 4.58 -12.39
C ASP A 170 5.21 3.71 -12.43
N GLN A 171 4.39 3.78 -11.37
CA GLN A 171 3.13 3.05 -11.38
C GLN A 171 2.25 3.48 -12.53
N GLN A 172 2.16 4.80 -12.77
CA GLN A 172 1.29 5.32 -13.82
C GLN A 172 1.73 4.81 -15.20
N LEU A 173 3.04 4.75 -15.45
CA LEU A 173 3.51 4.21 -16.72
C LEU A 173 3.18 2.72 -16.84
N ALA A 174 3.12 2.00 -15.71
CA ALA A 174 2.71 0.61 -15.76
C ALA A 174 1.23 0.47 -16.11
N LEU A 175 0.38 1.34 -15.54
CA LEU A 175 -1.02 1.35 -15.94
C LEU A 175 -1.17 1.68 -17.42
N GLN A 176 -0.36 2.63 -17.92
CA GLN A 176 -0.32 2.91 -19.35
C GLN A 176 0.03 1.66 -20.14
N TRP A 177 0.98 0.87 -19.65
CA TRP A 177 1.38 -0.35 -20.35
C TRP A 177 0.21 -1.34 -20.43
N VAL A 178 -0.54 -1.49 -19.34
CA VAL A 178 -1.69 -2.39 -19.35
C VAL A 178 -2.73 -1.92 -20.37
N GLN A 179 -2.97 -0.62 -20.43
CA GLN A 179 -3.96 -0.08 -21.36
C GLN A 179 -3.57 -0.39 -22.80
N LYS A 180 -2.28 -0.33 -23.11
CA LYS A 180 -1.83 -0.54 -24.48
C LYS A 180 -1.67 -2.02 -24.84
N ASN A 181 -1.46 -2.90 -23.86
CA ASN A 181 -1.00 -4.25 -24.15
C ASN A 181 -1.88 -5.37 -23.58
N ILE A 182 -2.68 -5.12 -22.55
CA ILE A 182 -3.34 -6.23 -21.87
C ILE A 182 -4.36 -6.93 -22.75
N ALA A 183 -4.84 -6.29 -23.82
CA ALA A 183 -5.77 -6.96 -24.72
C ALA A 183 -5.11 -8.17 -25.38
N ALA A 184 -3.81 -8.08 -25.67
CA ALA A 184 -3.10 -9.18 -26.28
C ALA A 184 -2.97 -10.38 -25.34
N PHE A 185 -3.19 -10.18 -24.05
CA PHE A 185 -3.19 -11.26 -23.06
C PHE A 185 -4.59 -11.78 -22.77
N GLY A 186 -5.60 -11.32 -23.51
CA GLY A 186 -6.97 -11.66 -23.21
C GLY A 186 -7.62 -10.78 -22.16
N GLY A 187 -7.07 -9.60 -21.91
CA GLY A 187 -7.58 -8.71 -20.89
C GLY A 187 -8.39 -7.57 -21.46
N ASN A 188 -9.27 -7.03 -20.62
CA ASN A 188 -10.14 -5.93 -21.00
C ASN A 188 -9.58 -4.64 -20.41
N PRO A 189 -8.97 -3.76 -21.22
CA PRO A 189 -8.42 -2.51 -20.67
C PRO A 189 -9.48 -1.59 -20.10
N LYS A 190 -10.75 -1.82 -20.41
CA LYS A 190 -11.85 -1.01 -19.88
C LYS A 190 -12.41 -1.54 -18.56
N SER A 191 -11.81 -2.60 -18.00
CA SER A 191 -12.22 -3.16 -16.72
C SER A 191 -10.97 -3.43 -15.90
N VAL A 192 -10.37 -2.35 -15.39
CA VAL A 192 -9.12 -2.41 -14.63
C VAL A 192 -9.37 -1.87 -13.24
N THR A 193 -9.07 -2.68 -12.22
CA THR A 193 -9.23 -2.28 -10.83
C THR A 193 -7.86 -2.25 -10.17
N LEU A 194 -7.48 -1.09 -9.64
CA LEU A 194 -6.27 -0.98 -8.85
C LEU A 194 -6.55 -1.42 -7.43
N PHE A 195 -5.61 -2.14 -6.83
CA PHE A 195 -5.71 -2.44 -5.42
C PHE A 195 -4.31 -2.50 -4.83
N GLY A 196 -4.21 -2.09 -3.57
CA GLY A 196 -2.93 -2.01 -2.88
C GLY A 196 -3.17 -1.89 -1.39
N GLU A 197 -2.08 -2.02 -0.64
CA GLU A 197 -2.14 -2.02 0.81
C GLU A 197 -1.18 -0.98 1.37
N SER A 198 -1.65 -0.26 2.40
CA SER A 198 -0.85 0.73 3.14
C SER A 198 -0.35 1.78 2.16
N ALA A 199 0.96 1.94 1.96
CA ALA A 199 1.45 2.94 1.02
C ALA A 199 1.00 2.63 -0.40
N GLY A 200 0.74 1.36 -0.71
CA GLY A 200 0.14 1.04 -1.99
C GLY A 200 -1.30 1.50 -2.10
N ALA A 201 -2.03 1.44 -0.98
CA ALA A 201 -3.39 1.96 -0.96
C ALA A 201 -3.38 3.49 -1.05
N ALA A 202 -2.43 4.14 -0.39
CA ALA A 202 -2.27 5.57 -0.53
C ALA A 202 -1.91 5.92 -1.98
N SER A 203 -1.09 5.10 -2.62
CA SER A 203 -0.80 5.29 -4.04
C SER A 203 -2.07 5.19 -4.87
N VAL A 204 -2.88 4.16 -4.61
CA VAL A 204 -4.14 3.97 -5.33
C VAL A 204 -5.02 5.20 -5.17
N SER A 205 -5.15 5.70 -3.94
CA SER A 205 -5.99 6.87 -3.70
C SER A 205 -5.45 8.10 -4.41
N LEU A 206 -4.13 8.18 -4.61
CA LEU A 206 -3.56 9.32 -5.33
C LEU A 206 -3.82 9.20 -6.83
N HIS A 207 -3.91 7.98 -7.35
CA HIS A 207 -4.30 7.79 -8.75
C HIS A 207 -5.73 8.23 -9.01
N LEU A 208 -6.59 8.23 -7.98
CA LEU A 208 -7.91 8.80 -8.14
C LEU A 208 -7.87 10.32 -8.30
N LEU A 209 -6.78 10.97 -7.88
CA LEU A 209 -6.61 12.41 -8.02
C LEU A 209 -5.80 12.81 -9.24
N SER A 210 -4.88 11.97 -9.68
CA SER A 210 -3.94 12.37 -10.72
C SER A 210 -4.64 12.50 -12.06
N PRO A 211 -4.51 13.62 -12.77
CA PRO A 211 -5.13 13.73 -14.10
C PRO A 211 -4.58 12.72 -15.09
N GLY A 212 -3.28 12.40 -15.00
CA GLY A 212 -2.69 11.44 -15.91
C GLY A 212 -3.17 10.01 -15.72
N SER A 213 -3.84 9.71 -14.61
CA SER A 213 -4.29 8.36 -14.31
C SER A 213 -5.80 8.18 -14.51
N HIS A 214 -6.52 9.24 -14.86
CA HIS A 214 -7.98 9.20 -14.87
C HIS A 214 -8.52 8.11 -15.79
N SER A 215 -7.97 8.00 -17.00
CA SER A 215 -8.46 7.07 -17.99
C SER A 215 -7.66 5.76 -18.05
N LEU A 216 -6.85 5.49 -17.03
CA LEU A 216 -6.00 4.31 -17.02
C LEU A 216 -6.54 3.19 -16.13
N PHE A 217 -7.67 3.40 -15.46
CA PHE A 217 -8.27 2.36 -14.64
C PHE A 217 -9.74 2.68 -14.45
N THR A 218 -10.48 1.69 -13.94
CA THR A 218 -11.92 1.79 -13.76
C THR A 218 -12.33 1.96 -12.31
N ARG A 219 -11.80 1.12 -11.41
CA ARG A 219 -12.19 1.13 -10.01
C ARG A 219 -10.94 1.02 -9.14
N ALA A 220 -11.13 1.16 -7.83
CA ALA A 220 -10.02 1.20 -6.90
C ALA A 220 -10.38 0.49 -5.60
N ILE A 221 -9.39 -0.20 -5.04
CA ILE A 221 -9.52 -0.87 -3.74
C ILE A 221 -8.39 -0.38 -2.85
N LEU A 222 -8.74 0.07 -1.64
CA LEU A 222 -7.80 0.69 -0.72
C LEU A 222 -7.78 -0.13 0.57
N GLN A 223 -6.71 -0.90 0.78
CA GLN A 223 -6.56 -1.74 1.96
C GLN A 223 -5.59 -1.07 2.92
N SER A 224 -6.10 -0.60 4.06
CA SER A 224 -5.28 -0.07 5.15
C SER A 224 -4.45 1.13 4.72
N GLY A 225 -5.06 2.06 3.98
CA GLY A 225 -4.34 3.26 3.59
C GLY A 225 -5.09 4.23 2.70
N SER A 226 -4.74 5.51 2.79
CA SER A 226 -5.32 6.54 1.94
C SER A 226 -4.42 7.78 2.03
N PHE A 227 -4.53 8.65 1.02
CA PHE A 227 -3.61 9.78 0.95
C PHE A 227 -3.80 10.79 2.07
N ASN A 228 -4.97 10.80 2.72
CA ASN A 228 -5.20 11.72 3.82
C ASN A 228 -4.65 11.18 5.14
N ALA A 229 -3.97 10.04 5.13
CA ALA A 229 -3.26 9.58 6.31
C ALA A 229 -2.09 10.51 6.61
N PRO A 230 -1.75 10.69 7.88
CA PRO A 230 -0.73 11.69 8.23
C PRO A 230 0.65 11.40 7.64
N TRP A 231 0.96 10.15 7.33
CA TRP A 231 2.27 9.78 6.80
C TRP A 231 2.33 9.80 5.28
N ALA A 232 1.21 10.09 4.60
CA ALA A 232 1.11 9.79 3.17
C ALA A 232 1.77 10.85 2.30
N VAL A 233 1.59 12.13 2.61
CA VAL A 233 2.05 13.21 1.75
C VAL A 233 2.94 14.15 2.54
N THR A 234 4.14 14.41 2.04
CA THR A 234 5.05 15.36 2.65
C THR A 234 4.88 16.73 2.01
N SER A 235 4.90 17.77 2.84
CA SER A 235 4.82 19.12 2.32
C SER A 235 6.07 19.46 1.53
N LEU A 236 5.94 20.51 0.71
CA LEU A 236 7.02 20.84 -0.20
C LEU A 236 8.20 21.47 0.52
N TYR A 237 7.94 22.22 1.59
CA TYR A 237 9.04 22.73 2.40
C TYR A 237 9.75 21.60 3.13
N GLU A 238 9.00 20.59 3.58
CA GLU A 238 9.64 19.41 4.16
C GLU A 238 10.42 18.63 3.11
N ALA A 239 9.87 18.51 1.90
CA ALA A 239 10.57 17.79 0.84
C ALA A 239 11.89 18.47 0.48
N ARG A 240 11.90 19.80 0.49
CA ARG A 240 13.12 20.53 0.13
C ARG A 240 14.20 20.36 1.19
N ASN A 241 13.84 20.56 2.47
CA ASN A 241 14.80 20.37 3.56
C ASN A 241 15.42 18.98 3.50
N ARG A 242 14.59 17.94 3.33
CA ARG A 242 15.12 16.59 3.35
C ARG A 242 15.95 16.28 2.11
N THR A 243 15.65 16.93 0.98
CA THR A 243 16.53 16.81 -0.18
C THR A 243 17.87 17.49 0.07
N LEU A 244 17.83 18.73 0.58
CA LEU A 244 19.06 19.44 0.89
C LEU A 244 19.84 18.75 2.00
N ASN A 245 19.14 18.13 2.95
CA ASN A 245 19.83 17.39 4.00
C ASN A 245 20.57 16.19 3.44
N LEU A 246 19.94 15.44 2.54
CA LEU A 246 20.63 14.32 1.90
C LEU A 246 21.84 14.80 1.13
N ALA A 247 21.72 15.96 0.45
CA ALA A 247 22.84 16.51 -0.30
C ALA A 247 24.02 16.78 0.60
N LYS A 248 23.78 17.40 1.76
CA LYS A 248 24.87 17.71 2.68
C LYS A 248 25.51 16.44 3.23
N LEU A 249 24.71 15.42 3.52
CA LEU A 249 25.25 14.17 4.07
C LEU A 249 26.11 13.43 3.06
N THR A 250 25.90 13.64 1.76
CA THR A 250 26.66 12.96 0.72
C THR A 250 27.75 13.83 0.12
N GLY A 251 27.89 15.08 0.57
CA GLY A 251 28.86 15.98 0.00
C GLY A 251 28.45 16.58 -1.32
N CYS A 252 27.15 16.83 -1.51
CA CYS A 252 26.62 17.30 -2.78
C CYS A 252 25.98 18.68 -2.70
N SER A 253 26.18 19.40 -1.60
CA SER A 253 25.58 20.72 -1.44
C SER A 253 26.20 21.69 -2.43
N ARG A 254 25.42 22.10 -3.43
CA ARG A 254 25.82 23.10 -4.41
C ARG A 254 24.87 24.28 -4.33
N GLU A 255 25.28 25.41 -4.91
CA GLU A 255 24.40 26.57 -4.95
C GLU A 255 23.34 26.40 -6.02
N ASN A 256 23.76 26.09 -7.25
CA ASN A 256 22.82 25.88 -8.35
C ASN A 256 22.14 24.53 -8.12
N GLU A 257 20.84 24.57 -7.84
CA GLU A 257 20.11 23.37 -7.41
C GLU A 257 20.21 22.25 -8.44
N THR A 258 20.35 22.60 -9.72
CA THR A 258 20.55 21.57 -10.74
C THR A 258 21.87 20.84 -10.55
N GLU A 259 22.86 21.50 -9.97
CA GLU A 259 24.16 20.88 -9.74
C GLU A 259 24.09 19.83 -8.62
N ILE A 260 23.27 20.08 -7.60
CA ILE A 260 23.11 19.11 -6.51
C ILE A 260 22.64 17.77 -7.07
N ILE A 261 21.71 17.80 -8.01
CA ILE A 261 21.15 16.57 -8.55
C ILE A 261 22.21 15.77 -9.28
N LYS A 262 22.98 16.43 -10.16
CA LYS A 262 24.02 15.73 -10.90
C LYS A 262 25.06 15.13 -9.96
N CYS A 263 25.36 15.82 -8.86
CA CYS A 263 26.27 15.25 -7.87
C CYS A 263 25.67 13.99 -7.26
N LEU A 264 24.39 14.02 -6.90
CA LEU A 264 23.74 12.83 -6.39
C LEU A 264 23.64 11.75 -7.45
N ARG A 265 23.54 12.13 -8.73
CA ARG A 265 23.50 11.17 -9.82
C ARG A 265 24.80 10.40 -9.99
N ASN A 266 25.90 10.86 -9.38
CA ASN A 266 27.17 10.17 -9.46
C ASN A 266 27.57 9.49 -8.16
N LYS A 267 26.87 9.75 -7.07
CA LYS A 267 26.96 8.88 -5.90
C LYS A 267 26.37 7.53 -6.24
N ASP A 268 27.00 6.47 -5.75
CA ASP A 268 26.46 5.14 -5.99
C ASP A 268 25.25 4.92 -5.10
N PRO A 269 24.35 3.99 -5.49
CA PRO A 269 23.05 3.90 -4.79
C PRO A 269 23.14 3.70 -3.29
N GLN A 270 24.16 3.02 -2.79
CA GLN A 270 24.18 2.71 -1.36
C GLN A 270 24.59 3.90 -0.50
N GLU A 271 25.37 4.84 -1.03
CA GLU A 271 25.66 6.06 -0.30
C GLU A 271 24.38 6.87 -0.09
N ILE A 272 23.51 6.88 -1.10
CA ILE A 272 22.21 7.53 -0.93
C ILE A 272 21.35 6.78 0.06
N LEU A 273 21.38 5.44 0.00
CA LEU A 273 20.54 4.62 0.86
C LEU A 273 20.92 4.77 2.33
N LEU A 274 22.22 4.69 2.63
CA LEU A 274 22.66 4.79 4.02
C LEU A 274 22.32 6.15 4.62
N ASN A 275 22.25 7.18 3.78
CA ASN A 275 21.99 8.54 4.27
C ASN A 275 20.52 8.91 4.29
N GLU A 276 19.64 8.08 3.70
CA GLU A 276 18.22 8.40 3.69
C GLU A 276 17.65 8.50 5.09
N ALA A 277 18.19 7.73 6.04
CA ALA A 277 17.59 7.65 7.36
C ALA A 277 17.70 8.97 8.13
N PHE A 278 18.74 9.77 7.86
CA PHE A 278 19.07 10.92 8.69
C PHE A 278 18.57 12.24 8.11
N VAL A 279 17.75 12.22 7.06
CA VAL A 279 17.24 13.47 6.50
C VAL A 279 16.14 14.08 7.36
N VAL A 280 15.58 13.33 8.30
CA VAL A 280 14.53 13.81 9.19
C VAL A 280 15.09 13.82 10.60
N PRO A 281 14.92 14.90 11.37
CA PRO A 281 15.49 14.96 12.72
C PRO A 281 14.53 14.47 13.78
N TYR A 282 13.25 14.44 13.45
CA TYR A 282 12.19 14.06 14.37
C TYR A 282 11.61 12.70 14.00
N GLY A 283 12.43 11.65 14.08
CA GLY A 283 12.01 10.36 13.57
C GLY A 283 10.95 9.70 14.43
N THR A 284 10.05 8.97 13.78
CA THR A 284 9.07 8.10 14.40
C THR A 284 9.00 6.81 13.60
N PRO A 285 8.44 5.74 14.18
CA PRO A 285 8.26 4.51 13.41
C PRO A 285 7.41 4.66 12.15
N LEU A 286 6.62 5.72 12.03
CA LEU A 286 5.82 5.97 10.83
C LEU A 286 6.41 7.06 9.96
N SER A 287 7.69 7.39 10.15
CA SER A 287 8.33 8.41 9.33
C SER A 287 8.46 7.94 7.89
N VAL A 288 8.05 8.79 6.96
CA VAL A 288 8.21 8.56 5.53
C VAL A 288 9.24 9.56 5.05
N ASN A 289 10.50 9.12 4.95
CA ASN A 289 11.60 10.01 4.62
C ASN A 289 11.37 10.70 3.27
N PHE A 290 11.13 9.91 2.23
CA PHE A 290 10.90 10.42 0.89
C PHE A 290 9.60 9.83 0.37
N GLY A 291 8.59 10.68 0.15
CA GLY A 291 7.30 10.22 -0.27
C GLY A 291 6.62 11.19 -1.22
N PRO A 292 5.33 10.96 -1.47
CA PRO A 292 4.59 11.83 -2.40
C PRO A 292 4.58 13.28 -1.96
N THR A 293 4.66 14.17 -2.95
CA THR A 293 4.57 15.61 -2.74
C THR A 293 3.60 16.19 -3.76
N VAL A 294 3.20 17.44 -3.52
CA VAL A 294 2.45 18.19 -4.51
C VAL A 294 3.43 18.70 -5.55
N ASP A 295 3.61 17.93 -6.62
CA ASP A 295 4.59 18.25 -7.64
C ASP A 295 4.05 19.13 -8.76
N GLY A 296 2.74 19.35 -8.81
CA GLY A 296 2.16 20.10 -9.92
C GLY A 296 2.11 19.35 -11.23
N ASP A 297 2.37 18.03 -11.22
CA ASP A 297 2.33 17.23 -12.43
C ASP A 297 1.46 16.00 -12.19
N PHE A 298 1.94 15.07 -11.36
CA PHE A 298 1.10 13.97 -10.92
C PHE A 298 0.00 14.48 -10.00
N LEU A 299 0.35 15.39 -9.09
CA LEU A 299 -0.57 15.94 -8.09
C LEU A 299 -0.62 17.45 -8.29
N THR A 300 -1.77 17.96 -8.77
CA THR A 300 -1.89 19.35 -9.16
C THR A 300 -2.18 20.29 -8.00
N ASP A 301 -2.58 19.76 -6.85
CA ASP A 301 -2.89 20.59 -5.69
C ASP A 301 -2.78 19.72 -4.44
N MET A 302 -2.89 20.36 -3.29
CA MET A 302 -2.92 19.64 -2.02
C MET A 302 -4.04 18.62 -2.05
N PRO A 303 -3.75 17.33 -1.84
CA PRO A 303 -4.81 16.31 -1.98
C PRO A 303 -5.99 16.51 -1.06
N ASP A 304 -5.79 17.09 0.12
CA ASP A 304 -6.91 17.35 1.02
C ASP A 304 -7.89 18.35 0.42
N ILE A 305 -7.38 19.32 -0.35
CA ILE A 305 -8.26 20.28 -0.99
C ILE A 305 -9.08 19.61 -2.09
N LEU A 306 -8.44 18.79 -2.92
CA LEU A 306 -9.15 18.14 -4.02
C LEU A 306 -10.16 17.12 -3.51
N LEU A 307 -9.85 16.43 -2.42
CA LEU A 307 -10.83 15.53 -1.83
C LEU A 307 -12.04 16.29 -1.32
N GLU A 308 -11.80 17.40 -0.62
CA GLU A 308 -12.88 18.17 -0.02
C GLU A 308 -13.80 18.76 -1.08
N LEU A 309 -13.24 19.19 -2.21
CA LEU A 309 -14.00 19.85 -3.25
C LEU A 309 -14.34 18.93 -4.42
N GLY A 310 -14.18 17.62 -4.24
CA GLY A 310 -14.70 16.66 -5.20
C GLY A 310 -13.96 16.56 -6.51
N GLN A 311 -12.67 16.88 -6.53
CA GLN A 311 -11.89 16.79 -7.77
C GLN A 311 -11.09 15.49 -7.78
N PHE A 312 -11.83 14.41 -7.99
CA PHE A 312 -11.25 13.07 -8.10
C PHE A 312 -12.10 12.27 -9.07
N LYS A 313 -11.54 11.16 -9.53
CA LYS A 313 -12.23 10.33 -10.52
C LYS A 313 -13.49 9.73 -9.91
N LYS A 314 -14.62 9.94 -10.58
CA LYS A 314 -15.91 9.46 -10.10
C LYS A 314 -16.07 7.99 -10.46
N THR A 315 -15.99 7.13 -9.45
CA THR A 315 -16.09 5.69 -9.65
C THR A 315 -16.41 5.05 -8.29
N GLN A 316 -16.51 3.72 -8.29
CA GLN A 316 -16.73 2.98 -7.06
C GLN A 316 -15.41 2.67 -6.38
N ILE A 317 -15.43 2.64 -5.04
CA ILE A 317 -14.24 2.31 -4.26
C ILE A 317 -14.58 1.26 -3.21
N LEU A 318 -13.57 0.46 -2.87
CA LEU A 318 -13.63 -0.52 -1.79
C LEU A 318 -12.53 -0.17 -0.81
N VAL A 319 -12.91 0.17 0.42
CA VAL A 319 -11.97 0.63 1.44
C VAL A 319 -12.14 -0.22 2.68
N GLY A 320 -11.06 -0.38 3.44
CA GLY A 320 -11.16 -1.11 4.68
C GLY A 320 -9.88 -1.05 5.48
N VAL A 321 -9.99 -1.52 6.74
CA VAL A 321 -8.89 -1.52 7.68
C VAL A 321 -8.91 -2.84 8.46
N ASN A 322 -7.86 -3.06 9.23
CA ASN A 322 -7.75 -4.22 10.10
C ASN A 322 -7.97 -3.82 11.56
N LYS A 323 -8.32 -4.81 12.38
CA LYS A 323 -8.69 -4.54 13.77
C LYS A 323 -7.53 -3.95 14.56
N ASP A 324 -6.30 -4.42 14.29
CA ASP A 324 -5.15 -3.97 15.07
C ASP A 324 -4.07 -3.39 14.17
N GLU A 325 -4.39 -2.30 13.47
CA GLU A 325 -3.46 -1.71 12.52
C GLU A 325 -2.19 -1.20 13.20
N GLY A 326 -2.29 -0.71 14.43
CA GLY A 326 -1.17 -0.04 15.06
C GLY A 326 -0.13 -0.89 15.74
N THR A 327 -0.45 -2.16 16.02
CA THR A 327 0.41 -2.98 16.86
C THR A 327 1.77 -3.23 16.21
N ALA A 328 1.81 -3.34 14.88
CA ALA A 328 3.05 -3.67 14.19
C ALA A 328 4.15 -2.63 14.45
N PHE A 329 3.78 -1.37 14.60
CA PHE A 329 4.73 -0.30 14.76
C PHE A 329 5.22 -0.12 16.19
N LEU A 330 4.53 -0.72 17.17
CA LEU A 330 4.92 -0.52 18.57
C LEU A 330 6.27 -1.17 18.87
N VAL A 331 6.56 -2.31 18.24
CA VAL A 331 7.82 -3.01 18.51
C VAL A 331 9.00 -2.37 17.79
N TYR A 332 8.78 -1.26 17.07
CA TYR A 332 9.85 -0.56 16.37
C TYR A 332 10.23 0.76 17.04
N GLY A 333 9.97 0.88 18.34
CA GLY A 333 10.34 2.10 19.03
C GLY A 333 9.67 2.36 20.37
N ALA A 334 8.48 1.83 20.58
CA ALA A 334 7.75 2.13 21.81
C ALA A 334 8.43 1.44 23.00
N PRO A 335 8.68 2.15 24.10
CA PRO A 335 9.38 1.54 25.23
C PRO A 335 8.50 0.51 25.94
N GLY A 336 9.15 -0.56 26.40
CA GLY A 336 8.46 -1.65 27.05
C GLY A 336 7.82 -2.66 26.11
N PHE A 337 7.86 -2.42 24.81
CA PHE A 337 7.22 -3.30 23.84
C PHE A 337 8.25 -4.23 23.21
N SER A 338 7.82 -5.46 22.93
CA SER A 338 8.69 -6.46 22.33
C SER A 338 7.81 -7.54 21.71
N LYS A 339 8.31 -8.14 20.63
CA LYS A 339 7.63 -9.26 20.00
C LYS A 339 7.81 -10.56 20.77
N ASP A 340 8.61 -10.56 21.84
CA ASP A 340 8.90 -11.78 22.57
C ASP A 340 8.36 -11.83 24.00
N ASN A 341 7.72 -10.76 24.48
CA ASN A 341 6.91 -10.88 25.69
C ASN A 341 5.54 -10.26 25.44
N ASN A 342 4.72 -10.24 26.49
CA ASN A 342 3.34 -9.78 26.37
C ASN A 342 3.21 -8.26 26.42
N SER A 343 4.33 -7.54 26.56
CA SER A 343 4.39 -6.09 26.38
C SER A 343 3.42 -5.33 27.28
N ILE A 344 3.17 -5.86 28.48
CA ILE A 344 2.34 -5.15 29.45
C ILE A 344 3.12 -3.92 29.92
N ILE A 345 2.59 -2.73 29.63
CA ILE A 345 3.26 -1.49 29.95
C ILE A 345 2.47 -0.76 31.03
N THR A 346 3.16 0.16 31.71
CA THR A 346 2.55 0.99 32.74
C THR A 346 2.01 2.27 32.11
N ARG A 347 1.33 3.07 32.94
CA ARG A 347 0.85 4.37 32.49
C ARG A 347 2.02 5.26 32.09
N LYS A 348 3.13 5.17 32.81
CA LYS A 348 4.30 5.99 32.50
C LYS A 348 4.89 5.61 31.14
N GLU A 349 5.04 4.30 30.89
CA GLU A 349 5.58 3.86 29.61
C GLU A 349 4.63 4.22 28.46
N PHE A 350 3.33 4.22 28.72
CA PHE A 350 2.37 4.68 27.71
C PHE A 350 2.64 6.12 27.33
N GLN A 351 2.90 6.97 28.32
CA GLN A 351 3.11 8.40 28.04
C GLN A 351 4.42 8.62 27.30
N GLU A 352 5.46 7.85 27.62
CA GLU A 352 6.69 7.92 26.84
C GLU A 352 6.47 7.38 25.43
N GLY A 353 5.50 6.48 25.26
CA GLY A 353 5.17 6.01 23.92
C GLY A 353 4.53 7.08 23.07
N LEU A 354 3.71 7.94 23.68
CA LEU A 354 3.10 9.04 22.94
C LEU A 354 4.16 10.03 22.46
N LYS A 355 5.21 10.24 23.25
CA LYS A 355 6.29 11.12 22.83
C LYS A 355 7.05 10.53 21.64
N ILE A 356 7.10 9.20 21.53
CA ILE A 356 7.76 8.58 20.40
C ILE A 356 6.96 8.80 19.12
N PHE A 357 5.64 8.62 19.18
CA PHE A 357 4.80 8.70 17.99
C PHE A 357 4.29 10.11 17.71
N PHE A 358 4.27 10.98 18.71
CA PHE A 358 3.82 12.37 18.56
C PHE A 358 4.89 13.29 19.12
N PRO A 359 6.05 13.37 18.45
CA PRO A 359 7.19 14.09 19.05
C PRO A 359 6.98 15.59 19.14
N GLY A 360 6.40 16.21 18.11
CA GLY A 360 6.23 17.65 18.10
C GLY A 360 4.84 18.12 18.45
N VAL A 361 4.16 17.39 19.34
CA VAL A 361 2.81 17.70 19.76
C VAL A 361 2.86 18.29 21.16
N SER A 362 2.00 19.29 21.42
CA SER A 362 1.99 19.97 22.70
C SER A 362 1.68 19.00 23.84
N GLU A 363 1.97 19.45 25.06
CA GLU A 363 1.64 18.66 26.24
C GLU A 363 0.13 18.52 26.39
N PHE A 364 -0.63 19.56 26.04
CA PHE A 364 -2.08 19.46 26.08
C PHE A 364 -2.59 18.46 25.05
N GLY A 365 -1.99 18.44 23.86
CA GLY A 365 -2.41 17.51 22.84
C GLY A 365 -2.21 16.06 23.25
N LYS A 366 -1.13 15.79 23.99
CA LYS A 366 -0.87 14.42 24.44
C LYS A 366 -1.71 14.07 25.65
N GLU A 367 -2.03 15.03 26.52
CA GLU A 367 -3.01 14.79 27.57
C GLU A 367 -4.38 14.50 27.00
N SER A 368 -4.72 15.14 25.88
CA SER A 368 -6.00 14.87 25.22
C SER A 368 -6.05 13.45 24.70
N ILE A 369 -4.97 12.99 24.07
CA ILE A 369 -4.90 11.60 23.60
C ILE A 369 -5.06 10.65 24.78
N LEU A 370 -4.31 10.89 25.85
CA LEU A 370 -4.38 10.04 27.04
C LEU A 370 -5.79 10.04 27.63
N PHE A 371 -6.41 11.21 27.72
CA PHE A 371 -7.75 11.30 28.31
C PHE A 371 -8.76 10.52 27.49
N HIS A 372 -8.64 10.53 26.16
CA HIS A 372 -9.62 9.87 25.30
C HIS A 372 -9.47 8.37 25.27
N TYR A 373 -8.29 7.83 25.59
CA TYR A 373 -8.00 6.41 25.42
C TYR A 373 -7.78 5.68 26.75
N THR A 374 -8.18 6.29 27.87
CA THR A 374 -8.03 5.64 29.17
C THR A 374 -9.34 5.64 29.94
N ASP A 375 -10.47 5.56 29.23
CA ASP A 375 -11.78 5.38 29.85
C ASP A 375 -12.05 3.88 29.90
N TRP A 376 -11.38 3.21 30.84
CA TRP A 376 -11.33 1.76 30.87
C TRP A 376 -12.72 1.16 31.09
N VAL A 377 -13.02 0.13 30.29
CA VAL A 377 -14.15 -0.74 30.60
C VAL A 377 -13.93 -1.41 31.95
N ASP A 378 -12.69 -1.84 32.22
CA ASP A 378 -12.31 -2.44 33.48
C ASP A 378 -10.99 -1.80 33.91
N ASP A 379 -10.98 -1.21 35.10
CA ASP A 379 -9.78 -0.54 35.60
C ASP A 379 -8.61 -1.51 35.75
N GLN A 380 -8.89 -2.79 35.96
CA GLN A 380 -7.90 -3.73 36.47
C GLN A 380 -7.07 -4.41 35.39
N ARG A 381 -7.54 -4.44 34.14
CA ARG A 381 -6.85 -5.15 33.07
C ARG A 381 -5.41 -4.67 32.94
N PRO A 382 -4.41 -5.54 33.09
CA PRO A 382 -3.02 -5.10 32.89
C PRO A 382 -2.74 -4.72 31.44
N GLU A 383 -3.50 -5.28 30.49
CA GLU A 383 -3.32 -5.03 29.07
C GLU A 383 -3.77 -3.64 28.64
N ASN A 384 -4.30 -2.83 29.55
CA ASN A 384 -5.05 -1.64 29.15
C ASN A 384 -4.15 -0.63 28.43
N TYR A 385 -3.02 -0.26 29.05
CA TYR A 385 -2.14 0.71 28.40
C TYR A 385 -1.47 0.10 27.17
N ARG A 386 -1.20 -1.20 27.16
CA ARG A 386 -0.65 -1.84 25.98
C ARG A 386 -1.60 -1.70 24.79
N GLU A 387 -2.86 -2.05 24.99
CA GLU A 387 -3.83 -2.00 23.91
C GLU A 387 -4.21 -0.56 23.57
N ALA A 388 -4.11 0.35 24.54
CA ALA A 388 -4.46 1.74 24.28
C ALA A 388 -3.50 2.39 23.29
N LEU A 389 -2.20 2.18 23.49
CA LEU A 389 -1.23 2.76 22.57
C LEU A 389 -1.32 2.12 21.19
N GLY A 390 -1.63 0.83 21.12
CA GLY A 390 -1.90 0.22 19.84
C GLY A 390 -3.08 0.84 19.13
N ASP A 391 -4.14 1.12 19.88
CA ASP A 391 -5.33 1.75 19.29
C ASP A 391 -5.05 3.20 18.90
N VAL A 392 -4.25 3.91 19.70
CA VAL A 392 -3.90 5.29 19.37
C VAL A 392 -3.17 5.34 18.03
N VAL A 393 -2.14 4.52 17.88
CA VAL A 393 -1.36 4.52 16.64
C VAL A 393 -2.22 4.04 15.46
N GLY A 394 -3.06 3.03 15.68
CA GLY A 394 -3.84 2.48 14.59
C GLY A 394 -4.95 3.41 14.12
N ASP A 395 -5.66 4.05 15.05
CA ASP A 395 -6.76 4.92 14.68
C ASP A 395 -6.25 6.20 14.02
N TYR A 396 -5.19 6.80 14.59
CA TYR A 396 -4.68 8.05 14.06
C TYR A 396 -4.08 7.88 12.67
N ASN A 397 -3.37 6.78 12.44
CA ASN A 397 -2.57 6.63 11.24
C ASN A 397 -3.27 5.87 10.11
N PHE A 398 -4.33 5.13 10.40
CA PHE A 398 -4.93 4.27 9.38
C PHE A 398 -6.44 4.28 9.38
N ILE A 399 -7.06 3.93 10.51
CA ILE A 399 -8.51 3.70 10.52
C ILE A 399 -9.28 4.99 10.29
N CYS A 400 -9.03 6.00 11.13
CA CYS A 400 -9.75 7.25 11.00
C CYS A 400 -9.48 7.97 9.68
N PRO A 401 -8.25 8.02 9.15
CA PRO A 401 -8.09 8.57 7.80
C PRO A 401 -8.84 7.78 6.73
N ALA A 402 -8.85 6.45 6.83
CA ALA A 402 -9.57 5.66 5.84
C ALA A 402 -11.07 5.92 5.91
N LEU A 403 -11.62 6.03 7.12
CA LEU A 403 -13.04 6.33 7.26
C LEU A 403 -13.37 7.72 6.73
N GLU A 404 -12.52 8.70 7.03
CA GLU A 404 -12.77 10.06 6.54
C GLU A 404 -12.69 10.13 5.03
N PHE A 405 -11.75 9.41 4.43
CA PHE A 405 -11.66 9.36 2.97
C PHE A 405 -12.94 8.79 2.38
N THR A 406 -13.39 7.65 2.90
CA THR A 406 -14.59 7.01 2.36
C THR A 406 -15.81 7.90 2.50
N LYS A 407 -15.93 8.62 3.62
CA LYS A 407 -17.06 9.51 3.82
C LYS A 407 -17.02 10.68 2.86
N LYS A 408 -15.84 11.30 2.70
CA LYS A 408 -15.72 12.42 1.76
C LYS A 408 -15.94 11.98 0.33
N PHE A 409 -15.43 10.79 -0.03
CA PHE A 409 -15.58 10.29 -1.40
C PHE A 409 -17.04 10.00 -1.71
N SER A 410 -17.74 9.33 -0.81
CA SER A 410 -19.14 8.99 -1.04
C SER A 410 -20.04 10.21 -1.07
N GLU A 411 -19.62 11.32 -0.45
CA GLU A 411 -20.46 12.52 -0.42
C GLU A 411 -20.66 13.11 -1.81
N TRP A 412 -19.83 12.73 -2.78
CA TRP A 412 -19.97 13.20 -4.16
C TRP A 412 -20.69 12.18 -5.04
N GLY A 413 -21.48 11.28 -4.45
CA GLY A 413 -22.45 10.50 -5.18
C GLY A 413 -22.04 9.09 -5.56
N ASN A 414 -20.84 8.65 -5.21
CA ASN A 414 -20.35 7.36 -5.65
C ASN A 414 -20.58 6.28 -4.61
N ASN A 415 -20.80 5.06 -5.09
CA ASN A 415 -20.90 3.90 -4.21
C ASN A 415 -19.55 3.61 -3.58
N ALA A 416 -19.53 3.48 -2.26
CA ALA A 416 -18.35 3.08 -1.52
C ALA A 416 -18.70 1.95 -0.58
N PHE A 417 -17.74 1.06 -0.36
CA PHE A 417 -17.92 -0.11 0.50
C PHE A 417 -16.77 -0.18 1.48
N PHE A 418 -17.09 -0.22 2.76
CA PHE A 418 -16.09 -0.28 3.82
C PHE A 418 -16.11 -1.63 4.52
N TYR A 419 -14.93 -2.17 4.81
CA TYR A 419 -14.80 -3.43 5.53
C TYR A 419 -13.93 -3.25 6.77
N TYR A 420 -14.12 -4.16 7.72
CA TYR A 420 -13.35 -4.19 8.97
C TYR A 420 -12.83 -5.62 9.13
N PHE A 421 -11.57 -5.84 8.78
CA PHE A 421 -10.98 -7.18 8.83
C PHE A 421 -10.52 -7.48 10.26
N GLU A 422 -11.04 -8.56 10.84
CA GLU A 422 -10.78 -8.84 12.25
C GLU A 422 -10.50 -10.31 12.51
N HIS A 423 -9.89 -11.01 11.56
CA HIS A 423 -9.44 -12.38 11.78
C HIS A 423 -7.91 -12.40 11.85
N ARG A 424 -7.37 -12.94 12.93
CA ARG A 424 -5.94 -13.13 13.06
C ARG A 424 -5.54 -14.44 12.41
N SER A 425 -4.59 -14.38 11.48
CA SER A 425 -4.18 -15.57 10.75
C SER A 425 -3.63 -16.62 11.70
N SER A 426 -4.02 -17.88 11.48
CA SER A 426 -3.55 -18.97 12.32
C SER A 426 -2.05 -19.20 12.16
N LYS A 427 -1.45 -18.68 11.08
CA LYS A 427 -0.02 -18.81 10.84
C LYS A 427 0.73 -17.52 11.11
N LEU A 428 0.13 -16.58 11.84
CA LEU A 428 0.76 -15.29 12.08
C LEU A 428 2.02 -15.47 12.93
N PRO A 429 3.20 -15.12 12.43
CA PRO A 429 4.43 -15.36 13.21
C PRO A 429 4.60 -14.43 14.39
N TRP A 430 3.90 -13.30 14.41
CA TRP A 430 4.02 -12.35 15.50
C TRP A 430 3.20 -12.80 16.71
N PRO A 431 3.51 -12.28 17.90
CA PRO A 431 2.83 -12.75 19.11
C PRO A 431 1.36 -12.39 19.12
N GLU A 432 0.64 -13.05 20.04
CA GLU A 432 -0.81 -12.96 20.10
C GLU A 432 -1.28 -11.54 20.44
N TRP A 433 -0.53 -10.83 21.29
CA TRP A 433 -0.98 -9.53 21.75
C TRP A 433 -1.04 -8.51 20.61
N MET A 434 -0.36 -8.76 19.50
CA MET A 434 -0.41 -7.84 18.37
C MET A 434 -1.65 -8.02 17.52
N GLY A 435 -2.43 -9.07 17.75
CA GLY A 435 -3.77 -9.23 17.20
C GLY A 435 -3.82 -9.29 15.69
N VAL A 436 -4.89 -8.74 15.13
CA VAL A 436 -5.13 -8.72 13.69
C VAL A 436 -4.26 -7.64 13.07
N MET A 437 -3.06 -8.01 12.65
CA MET A 437 -2.02 -7.03 12.40
C MET A 437 -2.15 -6.36 11.03
N HIS A 438 -1.60 -5.16 10.94
CA HIS A 438 -1.40 -4.46 9.68
C HIS A 438 -0.69 -5.35 8.67
N GLY A 439 -1.29 -5.50 7.50
CA GLY A 439 -0.67 -6.22 6.40
C GLY A 439 -1.02 -7.68 6.30
N TYR A 440 -1.76 -8.25 7.26
CA TYR A 440 -2.01 -9.68 7.27
C TYR A 440 -3.44 -10.03 6.87
N GLU A 441 -4.11 -9.13 6.16
CA GLU A 441 -5.26 -9.49 5.34
C GLU A 441 -4.84 -9.78 3.90
N ILE A 442 -3.61 -9.39 3.53
CA ILE A 442 -3.15 -9.54 2.15
C ILE A 442 -3.16 -11.01 1.73
N GLU A 443 -2.72 -11.90 2.62
CA GLU A 443 -2.68 -13.32 2.26
C GLU A 443 -4.07 -13.85 1.93
N PHE A 444 -5.09 -13.36 2.61
CA PHE A 444 -6.46 -13.81 2.33
C PHE A 444 -6.97 -13.22 1.02
N VAL A 445 -6.60 -11.97 0.72
CA VAL A 445 -7.02 -11.34 -0.52
C VAL A 445 -6.45 -12.08 -1.71
N PHE A 446 -5.18 -12.49 -1.63
CA PHE A 446 -4.53 -13.19 -2.74
C PHE A 446 -4.81 -14.68 -2.76
N GLY A 447 -5.60 -15.19 -1.82
CA GLY A 447 -6.04 -16.57 -1.89
C GLY A 447 -5.05 -17.61 -1.43
N LEU A 448 -4.07 -17.23 -0.61
CA LEU A 448 -3.12 -18.21 -0.08
C LEU A 448 -3.78 -19.30 0.75
N PRO A 449 -4.76 -19.02 1.63
CA PRO A 449 -5.40 -20.11 2.37
C PRO A 449 -6.15 -21.11 1.50
N LEU A 450 -6.47 -20.76 0.26
CA LEU A 450 -7.09 -21.74 -0.64
C LEU A 450 -6.15 -22.90 -0.94
N GLU A 451 -4.84 -22.69 -0.80
CA GLU A 451 -3.86 -23.77 -0.90
C GLU A 451 -3.88 -24.55 0.41
N ARG A 452 -4.42 -25.76 0.38
CA ARG A 452 -4.59 -26.57 1.59
C ARG A 452 -3.28 -27.14 2.10
N ARG A 453 -2.21 -26.91 1.36
CA ARG A 453 -0.93 -27.45 1.77
C ARG A 453 -0.34 -26.72 2.94
N ASP A 454 -0.29 -25.39 2.87
CA ASP A 454 -0.16 -24.61 4.08
C ASP A 454 -1.28 -25.00 5.03
N GLN A 455 -1.01 -24.89 6.32
CA GLN A 455 -2.00 -25.31 7.30
C GLN A 455 -2.74 -24.10 7.88
N TYR A 456 -3.40 -23.39 6.98
CA TYR A 456 -4.53 -22.56 7.35
C TYR A 456 -5.68 -23.44 7.77
N THR A 457 -6.54 -22.92 8.62
CA THR A 457 -7.73 -23.68 8.99
C THR A 457 -8.67 -23.80 7.78
N LYS A 458 -9.64 -24.70 7.88
CA LYS A 458 -10.67 -24.76 6.85
C LYS A 458 -11.55 -23.53 6.91
N ALA A 459 -11.78 -22.98 8.10
CA ALA A 459 -12.49 -21.71 8.22
C ALA A 459 -11.76 -20.61 7.48
N GLU A 460 -10.42 -20.66 7.49
CA GLU A 460 -9.64 -19.64 6.78
C GLU A 460 -9.70 -19.81 5.27
N GLU A 461 -9.80 -21.06 4.79
CA GLU A 461 -10.00 -21.28 3.36
C GLU A 461 -11.36 -20.71 2.92
N ILE A 462 -12.40 -20.91 3.72
CA ILE A 462 -13.71 -20.38 3.39
C ILE A 462 -13.68 -18.85 3.39
N LEU A 463 -13.04 -18.25 4.40
CA LEU A 463 -12.96 -16.79 4.47
C LEU A 463 -12.18 -16.24 3.28
N SER A 464 -11.05 -16.85 2.95
CA SER A 464 -10.28 -16.41 1.79
C SER A 464 -11.10 -16.58 0.51
N ARG A 465 -11.79 -17.72 0.37
CA ARG A 465 -12.61 -17.95 -0.81
C ARG A 465 -13.69 -16.88 -0.96
N SER A 466 -14.30 -16.48 0.16
CA SER A 466 -15.34 -15.46 0.11
C SER A 466 -14.76 -14.09 -0.20
N ILE A 467 -13.64 -13.73 0.43
CA ILE A 467 -13.01 -12.44 0.18
C ILE A 467 -12.55 -12.36 -1.27
N VAL A 468 -11.99 -13.45 -1.79
CA VAL A 468 -11.54 -13.48 -3.18
C VAL A 468 -12.71 -13.23 -4.12
N LYS A 469 -13.87 -13.82 -3.83
CA LYS A 469 -15.04 -13.62 -4.67
C LYS A 469 -15.55 -12.19 -4.58
N ARG A 470 -15.55 -11.61 -3.37
CA ARG A 470 -16.00 -10.24 -3.20
C ARG A 470 -15.09 -9.27 -3.96
N TRP A 471 -13.78 -9.46 -3.85
CA TRP A 471 -12.82 -8.60 -4.55
C TRP A 471 -13.01 -8.70 -6.06
N ALA A 472 -13.15 -9.93 -6.57
CA ALA A 472 -13.33 -10.11 -8.01
C ALA A 472 -14.66 -9.54 -8.48
N ASN A 473 -15.73 -9.76 -7.70
CA ASN A 473 -17.04 -9.21 -8.07
C ASN A 473 -17.00 -7.69 -8.07
N PHE A 474 -16.23 -7.08 -7.17
CA PHE A 474 -16.08 -5.63 -7.20
C PHE A 474 -15.35 -5.18 -8.44
N ALA A 475 -14.27 -5.89 -8.81
CA ALA A 475 -13.51 -5.52 -10.00
C ALA A 475 -14.36 -5.68 -11.26
N LYS A 476 -15.08 -6.80 -11.36
CA LYS A 476 -15.86 -7.06 -12.58
C LYS A 476 -17.13 -6.22 -12.65
N TYR A 477 -17.82 -6.05 -11.52
CA TYR A 477 -19.16 -5.49 -11.53
C TYR A 477 -19.36 -4.29 -10.61
N GLY A 478 -18.32 -3.86 -9.90
CA GLY A 478 -18.47 -2.71 -9.01
C GLY A 478 -19.30 -2.96 -7.78
N ASN A 479 -19.52 -4.22 -7.41
CA ASN A 479 -20.33 -4.59 -6.26
C ASN A 479 -19.71 -5.78 -5.56
N PRO A 480 -19.15 -5.61 -4.36
CA PRO A 480 -18.37 -6.66 -3.69
C PRO A 480 -19.23 -7.71 -2.98
N GLN A 481 -20.26 -8.21 -3.67
CA GLN A 481 -21.15 -9.19 -3.09
C GLN A 481 -20.61 -10.60 -3.29
N GLU A 482 -21.02 -11.50 -2.40
CA GLU A 482 -20.85 -12.94 -2.54
C GLU A 482 -22.27 -13.49 -2.55
N THR A 483 -22.82 -13.68 -3.75
CA THR A 483 -24.25 -13.89 -3.90
C THR A 483 -24.66 -15.36 -3.78
N GLN A 484 -23.74 -16.29 -4.04
CA GLN A 484 -24.15 -17.69 -4.17
C GLN A 484 -24.37 -18.36 -2.82
N ASN A 485 -23.45 -18.18 -1.89
CA ASN A 485 -23.44 -18.99 -0.66
C ASN A 485 -24.14 -18.28 0.49
N GLN A 486 -25.34 -17.76 0.22
CA GLN A 486 -26.23 -17.15 1.21
C GLN A 486 -25.49 -16.29 2.22
N SER A 487 -24.56 -15.49 1.75
CA SER A 487 -23.80 -14.61 2.63
C SER A 487 -24.69 -13.46 3.11
N THR A 488 -24.09 -12.50 3.78
CA THR A 488 -24.76 -11.27 4.16
C THR A 488 -24.43 -10.20 3.14
N SER A 489 -25.43 -9.38 2.80
CA SER A 489 -25.23 -8.37 1.77
C SER A 489 -24.38 -7.23 2.31
N TRP A 490 -23.41 -6.81 1.50
CA TRP A 490 -22.49 -5.73 1.85
C TRP A 490 -23.14 -4.41 1.44
N PRO A 491 -23.63 -3.60 2.38
CA PRO A 491 -24.32 -2.36 1.99
C PRO A 491 -23.34 -1.26 1.63
N VAL A 492 -23.86 -0.30 0.86
CA VAL A 492 -23.08 0.86 0.45
C VAL A 492 -22.81 1.74 1.67
N PHE A 493 -21.57 2.23 1.79
CA PHE A 493 -21.22 3.18 2.83
C PHE A 493 -21.70 4.57 2.42
N LYS A 494 -22.64 5.12 3.17
CA LYS A 494 -23.17 6.45 2.93
C LYS A 494 -22.77 7.37 4.07
N SER A 495 -22.60 8.66 3.75
CA SER A 495 -22.11 9.63 4.74
C SER A 495 -23.02 9.70 5.96
N THR A 496 -24.30 9.37 5.82
CA THR A 496 -25.21 9.44 6.95
C THR A 496 -25.05 8.24 7.88
N GLU A 497 -25.44 7.05 7.41
CA GLU A 497 -25.48 5.89 8.29
C GLU A 497 -24.09 5.27 8.48
N GLN A 498 -23.26 5.28 7.43
CA GLN A 498 -21.87 4.82 7.52
C GLN A 498 -21.78 3.34 7.88
N LYS A 499 -22.48 2.51 7.12
CA LYS A 499 -22.44 1.07 7.33
C LYS A 499 -21.15 0.48 6.80
N TYR A 500 -20.67 -0.56 7.47
CA TYR A 500 -19.51 -1.31 7.02
C TYR A 500 -19.70 -2.79 7.34
N LEU A 501 -18.87 -3.61 6.71
CA LEU A 501 -18.99 -5.06 6.76
C LEU A 501 -17.79 -5.62 7.51
N THR A 502 -18.02 -6.50 8.47
CA THR A 502 -16.95 -7.17 9.17
C THR A 502 -16.57 -8.46 8.44
N LEU A 503 -15.27 -8.73 8.37
CA LEU A 503 -14.75 -9.93 7.72
C LEU A 503 -14.09 -10.80 8.77
N ASN A 504 -14.64 -12.01 8.97
CA ASN A 504 -14.15 -12.89 10.02
C ASN A 504 -14.56 -14.33 9.67
N THR A 505 -13.86 -15.28 10.29
CA THR A 505 -14.22 -16.69 10.12
C THR A 505 -15.50 -17.02 10.87
N GLU A 506 -15.70 -16.42 12.05
CA GLU A 506 -16.82 -16.80 12.90
C GLU A 506 -18.15 -16.44 12.24
N SER A 507 -18.38 -15.16 12.01
CA SER A 507 -19.68 -14.71 11.51
C SER A 507 -19.44 -13.56 10.54
N THR A 508 -20.49 -12.79 10.30
CA THR A 508 -20.41 -11.57 9.53
C THR A 508 -21.54 -10.67 10.00
N ARG A 509 -21.23 -9.39 10.19
CA ARG A 509 -22.22 -8.43 10.68
C ARG A 509 -22.12 -7.13 9.90
N ILE A 510 -23.26 -6.48 9.74
CA ILE A 510 -23.32 -5.09 9.30
C ILE A 510 -23.33 -4.21 10.53
N MET A 511 -22.37 -3.29 10.61
N MET A 511 -22.38 -3.29 10.62
CA MET A 511 -22.27 -2.36 11.72
CA MET A 511 -22.29 -2.35 11.72
C MET A 511 -22.12 -0.94 11.17
C MET A 511 -22.25 -0.93 11.16
N THR A 512 -22.32 0.04 12.05
CA THR A 512 -22.30 1.45 11.67
C THR A 512 -21.32 2.22 12.54
N LYS A 513 -20.72 3.24 11.94
CA LYS A 513 -19.92 4.26 12.64
C LYS A 513 -18.77 3.61 13.42
N LEU A 514 -17.83 3.06 12.67
CA LEU A 514 -16.67 2.42 13.27
C LEU A 514 -15.78 3.46 13.92
N ARG A 515 -15.39 3.20 15.18
CA ARG A 515 -14.52 4.09 15.94
C ARG A 515 -15.09 5.51 15.98
N ALA A 516 -16.40 5.61 16.23
CA ALA A 516 -17.10 6.88 16.17
C ALA A 516 -16.44 7.93 17.06
N GLN A 517 -16.37 7.65 18.36
CA GLN A 517 -15.79 8.61 19.31
C GLN A 517 -14.31 8.83 19.02
N GLN A 518 -13.58 7.77 18.67
CA GLN A 518 -12.14 7.90 18.46
C GLN A 518 -11.83 8.77 17.25
N CYS A 519 -12.61 8.63 16.17
CA CYS A 519 -12.30 9.34 14.94
C CYS A 519 -12.82 10.77 14.96
N ARG A 520 -13.85 11.07 15.75
CA ARG A 520 -14.22 12.46 15.98
C ARG A 520 -13.06 13.22 16.61
N PHE A 521 -12.36 12.59 17.54
CA PHE A 521 -11.21 13.23 18.18
C PHE A 521 -10.08 13.45 17.19
N TRP A 522 -9.73 12.41 16.42
CA TRP A 522 -8.55 12.50 15.55
C TRP A 522 -8.81 13.37 14.33
N THR A 523 -10.03 13.36 13.80
CA THR A 523 -10.31 14.05 12.54
C THR A 523 -10.77 15.49 12.75
N SER A 524 -11.49 15.77 13.84
CA SER A 524 -12.01 17.11 14.09
C SER A 524 -11.20 17.86 15.14
N PHE A 525 -11.00 17.27 16.32
CA PHE A 525 -10.39 18.00 17.43
C PHE A 525 -8.88 18.03 17.32
N PHE A 526 -8.26 16.86 17.14
CA PHE A 526 -6.80 16.78 17.20
C PHE A 526 -6.06 17.69 16.20
N PRO A 527 -6.56 17.95 14.99
CA PRO A 527 -5.87 18.92 14.13
C PRO A 527 -5.78 20.33 14.71
N LYS A 528 -6.54 20.62 15.78
CA LYS A 528 -6.55 21.97 16.36
C LYS A 528 -5.55 22.14 17.50
N VAL A 529 -4.94 21.07 17.99
CA VAL A 529 -4.03 21.18 19.12
C VAL A 529 -2.60 21.42 18.65
C1 NAG B . 9.56 -6.96 27.04
C2 NAG B . 9.64 -6.56 28.52
C3 NAG B . 10.25 -5.18 28.67
C4 NAG B . 11.58 -5.09 27.94
C5 NAG B . 11.42 -5.53 26.50
C6 NAG B . 12.73 -5.62 25.75
C7 NAG B . 7.96 -7.59 29.97
C8 NAG B . 6.56 -7.49 30.53
N2 NAG B . 8.33 -6.61 29.14
O3 NAG B . 10.44 -4.91 30.06
O4 NAG B . 12.03 -3.73 28.00
O5 NAG B . 10.84 -6.84 26.44
O6 NAG B . 13.41 -6.82 26.10
O7 NAG B . 8.71 -8.51 30.27
C1 NAG B . 13.41 -3.57 28.41
C2 NAG B . 13.90 -2.31 27.71
C3 NAG B . 15.36 -2.05 28.06
C4 NAG B . 15.53 -1.99 29.57
C5 NAG B . 14.98 -3.26 30.20
C6 NAG B . 15.02 -3.23 31.72
C7 NAG B . 12.72 -1.85 25.61
C8 NAG B . 12.68 -2.06 24.13
N2 NAG B . 13.73 -2.42 26.27
O3 NAG B . 15.76 -0.80 27.48
O4 NAG B . 16.92 -1.86 29.90
O5 NAG B . 13.61 -3.44 29.83
O6 NAG B . 14.26 -4.29 32.28
O7 NAG B . 11.86 -1.19 26.19
C1 FUL B . 14.76 -6.80 25.59
C2 FUL B . 15.07 -8.19 25.01
O2 FUL B . 16.25 -8.20 24.20
C3 FUL B . 15.14 -9.26 26.11
O3 FUL B . 13.84 -9.82 26.34
C4 FUL B . 15.65 -8.70 27.46
O4 FUL B . 14.56 -8.46 28.35
C5 FUL B . 16.46 -7.41 27.25
C6 FUL B . 16.95 -6.79 28.56
O5 FUL B . 15.70 -6.38 26.57
C1 NAG C . 15.63 21.90 8.17
C2 NAG C . 14.82 21.51 9.40
C3 NAG C . 15.58 21.88 10.67
C4 NAG C . 16.94 21.20 10.67
C5 NAG C . 17.71 21.56 9.41
C6 NAG C . 19.01 20.80 9.27
C7 NAG C . 12.38 21.44 9.18
C8 NAG C . 11.11 22.23 9.20
N2 NAG C . 13.51 22.13 9.39
O3 NAG C . 14.83 21.46 11.81
O4 NAG C . 17.69 21.59 11.82
O5 NAG C . 16.94 21.26 8.24
O6 NAG C . 18.81 19.39 9.30
O7 NAG C . 12.40 20.23 8.98
C1 FUL C . 19.81 18.74 10.11
C2 FUL C . 20.29 17.47 9.35
O2 FUL C . 21.06 17.80 8.19
C3 FUL C . 21.09 16.50 10.26
O3 FUL C . 21.24 15.24 9.60
C4 FUL C . 20.34 16.26 11.56
O4 FUL C . 19.09 15.64 11.28
C5 FUL C . 20.13 17.60 12.24
C6 FUL C . 19.40 17.47 13.57
O5 FUL C . 19.33 18.47 11.41
C02 H19 D . 8.42 2.94 7.00
C03 H19 D . 6.99 3.15 7.04
C04 H19 D . 6.43 4.40 7.41
C05 H19 D . 5.04 4.56 7.43
C06 H19 D . 4.21 3.49 7.10
C08 H19 D . 4.76 2.26 6.75
C09 H19 D . 6.17 2.09 6.72
C11 H19 D . 8.02 0.66 6.33
C12 H19 D . 8.93 1.67 6.64
C13 H19 D . 10.46 1.43 6.60
C14 H19 D . 10.85 0.29 5.78
C15 H19 D . 10.09 -0.94 6.13
C16 H19 D . 8.52 -0.75 5.92
C17 H19 D . 10.35 -1.32 7.53
C18 H19 D . 10.74 -0.41 8.48
C19 H19 D . 11.44 -0.95 9.72
C20 H19 D . 12.95 -0.76 9.65
C22 H19 D . 11.02 1.21 8.10
N01 H19 D . 9.32 4.04 7.33
N10 H19 D . 6.69 0.87 6.38
N21 H19 D . 13.61 -1.55 10.66
CL H19 D . 2.44 3.70 7.14
C1 NAG E . -14.47 -6.11 -24.06
C2 NAG E . -14.70 -6.16 -25.58
C3 NAG E . -14.90 -4.76 -26.13
C4 NAG E . -16.01 -4.02 -25.38
C5 NAG E . -15.69 -4.03 -23.88
C6 NAG E . -16.77 -3.42 -23.04
C7 NAG E . -13.63 -8.09 -26.68
C8 NAG E . -14.92 -8.82 -26.45
N2 NAG E . -13.59 -6.82 -26.25
O3 NAG E . -15.25 -4.84 -27.52
O4 NAG E . -16.11 -2.69 -25.83
O5 NAG E . -15.53 -5.39 -23.43
O6 NAG E . -16.43 -3.41 -21.66
O7 NAG E . -12.68 -8.61 -27.25
C1 NAG F . -19.60 -21.88 -1.71
C2 NAG F . -18.18 -21.55 -2.18
C3 NAG F . -17.58 -22.72 -2.95
C4 NAG F . -17.67 -24.00 -2.15
C5 NAG F . -19.12 -24.25 -1.73
C6 NAG F . -19.29 -25.47 -0.84
C7 NAG F . -17.76 -19.15 -2.52
C8 NAG F . -17.80 -18.02 -3.50
N2 NAG F . -18.17 -20.34 -2.98
O3 NAG F . -16.22 -22.43 -3.26
O4 NAG F . -17.21 -25.11 -2.92
O5 NAG F . -19.59 -23.12 -0.98
O6 NAG F . -19.91 -25.13 0.39
O7 NAG F . -17.37 -19.00 -1.36
C1 NAG G . 14.30 -18.61 -23.37
C2 NAG G . 15.74 -18.86 -23.86
C3 NAG G . 15.82 -20.07 -24.79
C4 NAG G . 15.17 -21.28 -24.12
C5 NAG G . 13.75 -20.95 -23.69
C6 NAG G . 13.07 -22.08 -22.94
C7 NAG G . 16.05 -16.98 -25.55
C8 NAG G . 14.85 -17.45 -26.34
N2 NAG G . 16.38 -17.67 -24.44
O3 NAG G . 17.18 -20.35 -25.10
O4 NAG G . 15.14 -22.37 -25.04
O5 NAG G . 13.77 -19.82 -22.80
O6 NAG G . 13.71 -22.34 -21.71
O7 NAG G . 16.69 -16.00 -25.90
C1 NAG H . 22.43 25.35 -13.19
C2 NAG H . 21.92 26.64 -13.85
C3 NAG H . 21.20 26.32 -15.16
C4 NAG H . 22.10 25.47 -16.05
C5 NAG H . 22.54 24.23 -15.29
C6 NAG H . 23.48 23.35 -16.07
C7 NAG H . 21.27 28.69 -12.67
C8 NAG H . 20.28 29.33 -11.74
N2 NAG H . 21.05 27.40 -12.97
O3 NAG H . 20.88 27.54 -15.83
O4 NAG H . 21.42 25.08 -17.25
O5 NAG H . 23.23 24.62 -14.10
O6 NAG H . 24.79 23.37 -15.52
O7 NAG H . 22.21 29.31 -13.15
BR BR I . 3.57 -0.45 4.87
CL CL J . -12.18 -3.49 18.39
CL CL K . -4.36 3.33 35.63
CL CL L . 7.04 12.19 8.10
CL CL M . -21.93 -14.65 6.03
S SO4 N . -21.84 4.69 -8.73
O1 SO4 N . -21.61 4.54 -10.16
O2 SO4 N . -20.57 5.03 -8.07
O3 SO4 N . -22.81 5.75 -8.49
O4 SO4 N . -22.35 3.44 -8.18
S SO4 O . 0.01 11.60 35.31
O1 SO4 O . -0.97 11.77 34.23
O2 SO4 O . 1.20 12.39 35.02
O3 SO4 O . -0.58 12.07 36.56
O4 SO4 O . 0.35 10.19 35.44
S SO4 P . 25.48 12.83 -15.20
O1 SO4 P . 25.64 13.40 -16.54
O2 SO4 P . 26.78 12.73 -14.55
O3 SO4 P . 24.60 13.68 -14.41
O4 SO4 P . 24.89 11.50 -15.31
C1 GOL Q . -8.92 13.30 -11.86
O1 GOL Q . -9.54 12.04 -12.04
C2 GOL Q . -9.59 14.34 -12.76
O2 GOL Q . -10.93 13.94 -13.01
C3 GOL Q . -9.59 15.69 -12.08
O3 GOL Q . -10.65 15.75 -11.15
C1 GOL R . 6.65 -18.81 -9.36
O1 GOL R . 7.82 -18.68 -8.58
C2 GOL R . 5.53 -18.01 -8.73
O2 GOL R . 4.58 -18.88 -8.15
C3 GOL R . 4.85 -17.16 -9.80
O3 GOL R . 3.46 -17.13 -9.59
C1 GOL S . -7.25 -27.46 9.96
O1 GOL S . -7.74 -27.71 8.66
C2 GOL S . -8.34 -26.84 10.81
O2 GOL S . -9.61 -27.23 10.31
C3 GOL S . -8.20 -27.30 12.25
O3 GOL S . -9.06 -26.54 13.07
C1 GOL T . -15.21 1.50 19.34
O1 GOL T . -14.12 0.72 19.77
C2 GOL T . -15.51 1.18 17.88
O2 GOL T . -14.83 0.01 17.50
C3 GOL T . -17.01 1.01 17.69
O3 GOL T . -17.67 2.24 17.95
C1 UNL U . 5.77 -2.53 9.65
C2 UNL U . 7.18 -1.92 9.65
C3 UNL U . 7.13 -0.46 10.01
C4 UNL U . 8.21 -0.09 11.05
O5 UNL U . 5.21 -2.16 8.44
O6 UNL U . 8.46 1.27 10.87
#